data_3URL
#
_entry.id   3URL
#
_cell.length_a   43.119
_cell.length_b   76.020
_cell.length_c   42.883
_cell.angle_alpha   90.00
_cell.angle_beta   96.99
_cell.angle_gamma   90.00
#
_symmetry.space_group_name_H-M   'P 1 21 1'
#
loop_
_entity.id
_entity.type
_entity.pdbx_description
1 polymer Endothiapepsin
2 polymer 'DB6 peptide'
3 non-polymer 'SULFATE ION'
4 water water
#
loop_
_entity_poly.entity_id
_entity_poly.type
_entity_poly.pdbx_seq_one_letter_code
_entity_poly.pdbx_strand_id
1 'polypeptide(L)'
;STGSATTTPIDSLDDAYITPVQIGTPAQTLNLDFDTGSSDLWVFSSETTASEV(SUI)QTIYTPSKSTTAKLLSGATWSI
SYGDGSSSSGDVYTDTVSVGGLTVTGQAVESAKKVSSSFTEDSTIDGLLGLAFSTLNTVSPTQQKTFFDNAKASLDSPVF
TADLGYHAPGTYNFGFIDTTAYTGSITYTAVSTKQGFWEWTSTGYAVGSGTFKSTSIDGIADTGTTLLYLPATVVSAYWA
QVSGAKSSSSVGGYVFPCSATLPSFTFGVGSARIVIPGDYIDFGPISTGSSSCFGGIQSSAGIGINIFGDVALKAAFVVF
NGATTPTLGFASK
;
A
2 'polypeptide(L)' HSLFH(PUK)TP B
#
loop_
_chem_comp.id
_chem_comp.type
_chem_comp.name
_chem_comp.formula
PUK peptide-like N-[(2S)-2-amino-3-phenylpropyl]-L-phenylalanine 'C18 H22 N2 O2'
SO4 non-polymer 'SULFATE ION' 'O4 S -2'
#
# COMPACT_ATOMS: atom_id res chain seq x y z
N SER A 1 -18.07 -5.92 15.20
CA SER A 1 -16.86 -5.37 15.79
C SER A 1 -16.20 -4.37 14.86
N THR A 2 -15.28 -3.59 15.43
CA THR A 2 -14.52 -2.64 14.63
C THR A 2 -13.10 -2.52 15.19
N GLY A 3 -12.24 -1.84 14.41
CA GLY A 3 -10.88 -1.58 14.82
C GLY A 3 -10.40 -0.29 14.17
N SER A 4 -9.48 0.38 14.86
CA SER A 4 -8.91 1.63 14.39
C SER A 4 -7.43 1.66 14.78
N ALA A 5 -6.54 1.94 13.84
CA ALA A 5 -5.11 1.97 14.11
C ALA A 5 -4.46 3.15 13.38
N THR A 6 -3.50 3.75 14.06
CA THR A 6 -2.70 4.83 13.50
C THR A 6 -1.61 4.28 12.58
N THR A 7 -1.48 4.91 11.42
CA THR A 7 -0.44 4.53 10.48
C THR A 7 0.51 5.71 10.26
N THR A 8 1.81 5.44 10.31
CA THR A 8 2.87 6.43 10.30
C THR A 8 3.86 6.25 9.15
N PRO A 9 4.26 7.34 8.49
CA PRO A 9 5.28 7.25 7.44
C PRO A 9 6.60 6.78 8.03
N ILE A 10 7.32 5.92 7.33
CA ILE A 10 8.57 5.39 7.88
C ILE A 10 9.72 6.39 7.82
N ASP A 11 9.56 7.42 7.00
CA ASP A 11 10.60 8.44 6.83
C ASP A 11 10.03 9.78 6.39
N SER A 12 10.94 10.74 6.21
CA SER A 12 10.48 12.09 5.89
C SER A 12 9.90 12.16 4.49
N LEU A 13 10.09 11.13 3.67
CA LEU A 13 9.58 11.18 2.30
C LEU A 13 8.26 10.45 2.13
N ASP A 14 7.71 9.86 3.19
CA ASP A 14 6.49 9.09 3.03
C ASP A 14 6.73 7.93 2.03
N ASP A 15 7.87 7.27 2.15
CA ASP A 15 8.22 6.12 1.32
C ASP A 15 7.25 4.96 1.49
N ALA A 16 6.86 4.73 2.73
CA ALA A 16 5.92 3.71 3.15
C ALA A 16 5.31 4.12 4.49
N TYR A 17 4.29 3.38 4.89
CA TYR A 17 3.64 3.58 6.17
C TYR A 17 3.62 2.30 6.99
N ILE A 18 3.83 2.40 8.31
CA ILE A 18 3.75 1.17 9.10
C ILE A 18 2.64 1.30 10.13
N THR A 19 1.95 0.19 10.38
CA THR A 19 0.87 0.10 11.34
C THR A 19 1.14 -1.02 12.35
N PRO A 20 1.02 -0.72 13.64
CA PRO A 20 1.29 -1.70 14.68
C PRO A 20 0.23 -2.79 14.67
N VAL A 21 0.73 -4.01 14.73
CA VAL A 21 -0.08 -5.22 14.80
C VAL A 21 0.35 -6.10 15.97
N GLN A 22 -0.67 -6.62 16.65
CA GLN A 22 -0.45 -7.51 17.79
C GLN A 22 -0.66 -8.95 17.33
N ILE A 23 0.38 -9.75 17.54
CA ILE A 23 0.29 -11.15 17.09
C ILE A 23 0.56 -12.09 18.25
N GLY A 24 -0.29 -13.10 18.47
CA GLY A 24 0.11 -14.09 19.48
C GLY A 24 -0.48 -13.77 20.84
N THR A 25 -0.22 -14.62 21.81
CA THR A 25 -0.69 -14.63 23.17
C THR A 25 0.42 -15.01 24.14
N PRO A 26 0.92 -14.13 25.00
CA PRO A 26 0.61 -12.71 25.06
C PRO A 26 1.10 -11.96 23.82
N ALA A 27 0.46 -10.84 23.51
CA ALA A 27 0.70 -10.12 22.26
C ALA A 27 2.14 -9.72 22.04
N GLN A 28 2.62 -9.96 20.81
CA GLN A 28 3.87 -9.43 20.31
C GLN A 28 3.49 -8.35 19.30
N THR A 29 4.02 -7.14 19.50
CA THR A 29 3.63 -6.03 18.63
C THR A 29 4.67 -5.88 17.52
N LEU A 30 4.23 -5.87 16.27
CA LEU A 30 5.12 -5.66 15.14
C LEU A 30 4.59 -4.52 14.28
N ASN A 31 5.51 -3.81 13.65
CA ASN A 31 5.17 -2.73 12.72
C ASN A 31 5.13 -3.27 11.29
N LEU A 32 3.91 -3.48 10.79
CA LEU A 32 3.72 -4.06 9.47
C LEU A 32 3.32 -3.01 8.43
N ASP A 33 3.69 -3.28 7.20
CA ASP A 33 3.30 -2.47 6.05
C ASP A 33 2.01 -3.03 5.48
N PHE A 34 0.92 -2.29 5.67
CA PHE A 34 -0.37 -2.63 5.10
C PHE A 34 -0.34 -2.40 3.58
N ASP A 35 -0.51 -3.47 2.83
CA ASP A 35 -0.34 -3.51 1.39
C ASP A 35 -1.56 -4.02 0.64
N THR A 36 -2.34 -3.11 0.03
CA THR A 36 -3.53 -3.52 -0.68
C THR A 36 -3.17 -4.10 -2.06
N GLY A 37 -1.89 -4.22 -2.35
CA GLY A 37 -1.38 -4.84 -3.55
C GLY A 37 -0.96 -6.29 -3.43
N SER A 38 -1.14 -6.90 -2.25
CA SER A 38 -0.74 -8.29 -2.03
C SER A 38 -1.61 -8.94 -0.97
N SER A 39 -1.52 -10.26 -0.78
CA SER A 39 -2.46 -10.94 0.11
C SER A 39 -1.80 -11.93 1.07
N ASP A 40 -0.57 -11.64 1.43
CA ASP A 40 0.18 -12.45 2.37
C ASP A 40 0.43 -11.70 3.67
N LEU A 41 0.21 -12.35 4.80
CA LEU A 41 0.61 -11.78 6.09
C LEU A 41 1.94 -12.43 6.44
N TRP A 42 3.06 -11.74 6.27
CA TRP A 42 4.32 -12.39 6.61
C TRP A 42 5.17 -11.47 7.48
N VAL A 43 5.91 -12.08 8.41
CA VAL A 43 6.70 -11.31 9.34
C VAL A 43 8.10 -11.90 9.47
N PHE A 44 9.06 -11.08 9.88
CA PHE A 44 10.34 -11.50 10.42
C PHE A 44 10.11 -12.38 11.65
N SER A 45 10.91 -13.43 11.87
CA SER A 45 10.59 -14.33 12.97
C SER A 45 11.84 -14.97 13.56
N SER A 46 11.62 -15.78 14.60
CA SER A 46 12.73 -16.52 15.19
C SER A 46 13.29 -17.52 14.18
N GLU A 47 12.58 -17.84 13.10
CA GLU A 47 13.03 -18.77 12.09
C GLU A 47 13.86 -18.11 10.99
N THR A 48 13.88 -16.79 10.93
CA THR A 48 14.63 -16.14 9.87
C THR A 48 16.14 -16.27 10.07
N THR A 49 16.81 -16.61 8.99
CA THR A 49 18.27 -16.64 8.93
C THR A 49 18.82 -15.36 9.55
N ALA A 50 19.62 -15.56 10.58
CA ALA A 50 20.10 -14.53 11.49
C ALA A 50 20.89 -13.47 10.75
N SER A 51 21.73 -13.89 9.80
CA SER A 51 22.50 -12.87 9.07
C SER A 51 21.61 -12.00 8.20
N GLU A 52 20.38 -12.45 7.98
CA GLU A 52 19.39 -11.68 7.22
C GLU A 52 18.50 -10.83 8.10
N VAL A 53 18.70 -10.91 9.41
CA VAL A 53 17.93 -10.10 10.35
C VAL A 53 18.77 -8.90 10.78
N SUI A 54 18.27 -7.68 10.63
CA SUI A 54 18.90 -6.52 11.22
CB SUI A 54 18.78 -5.28 10.33
CG SUI A 54 17.97 -4.30 11.20
OD SUI A 54 17.58 -3.22 10.88
C1 SUI A 54 18.27 -6.11 12.57
O1 SUI A 54 18.27 -6.79 13.56
N2 SUI A 54 17.75 -4.87 12.41
C2A SUI A 54 17.05 -4.12 13.43
C SUI A 54 15.56 -4.42 13.58
O SUI A 54 14.88 -3.90 14.46
N GLN A 55 14.99 -5.26 12.74
CA GLN A 55 13.57 -5.54 12.86
C GLN A 55 13.20 -6.27 14.15
N THR A 56 11.94 -6.14 14.55
CA THR A 56 11.34 -6.89 15.64
C THR A 56 10.80 -8.21 15.11
N ILE A 57 11.08 -9.30 15.82
CA ILE A 57 10.69 -10.57 15.22
C ILE A 57 9.52 -11.20 15.96
N TYR A 58 8.83 -12.08 15.26
CA TYR A 58 7.82 -12.93 15.83
C TYR A 58 8.46 -14.22 16.35
N THR A 59 8.12 -14.56 17.59
CA THR A 59 8.57 -15.86 18.11
C THR A 59 7.37 -16.75 18.41
N PRO A 60 7.08 -17.62 17.46
CA PRO A 60 5.95 -18.54 17.56
C PRO A 60 5.98 -19.33 18.87
N SER A 61 7.18 -19.71 19.30
CA SER A 61 7.30 -20.61 20.46
C SER A 61 6.94 -19.86 21.74
N LYS A 62 6.82 -18.54 21.63
CA LYS A 62 6.47 -17.78 22.82
C LYS A 62 4.97 -17.51 22.87
N SER A 63 4.26 -17.91 21.82
CA SER A 63 2.82 -17.65 21.80
C SER A 63 2.02 -18.88 22.20
N THR A 64 1.15 -18.83 23.21
CA THR A 64 0.38 -20.03 23.57
C THR A 64 -0.68 -20.37 22.54
N THR A 65 -1.02 -19.46 21.64
CA THR A 65 -2.09 -19.73 20.67
C THR A 65 -1.56 -20.07 19.28
N ALA A 66 -0.25 -20.06 19.06
CA ALA A 66 0.29 -20.38 17.76
C ALA A 66 0.17 -21.88 17.44
N LYS A 67 -0.11 -22.19 16.19
CA LYS A 67 -0.21 -23.59 15.78
C LYS A 67 0.49 -23.78 14.44
N LEU A 68 1.36 -24.78 14.36
CA LEU A 68 2.03 -24.98 13.08
C LEU A 68 1.05 -25.42 12.01
N LEU A 69 1.14 -24.83 10.81
CA LEU A 69 0.26 -25.33 9.75
C LEU A 69 1.05 -26.35 8.94
N SER A 70 0.76 -27.61 9.23
CA SER A 70 1.56 -28.73 8.77
C SER A 70 1.61 -28.81 7.24
N GLY A 71 2.81 -29.00 6.74
CA GLY A 71 3.07 -29.12 5.32
C GLY A 71 2.94 -27.86 4.51
N ALA A 72 2.49 -26.75 5.10
CA ALA A 72 2.26 -25.56 4.26
C ALA A 72 3.52 -24.72 4.10
N THR A 73 3.71 -24.17 2.92
CA THR A 73 4.86 -23.31 2.66
C THR A 73 4.40 -22.08 1.86
N TRP A 74 5.24 -21.04 1.83
CA TRP A 74 4.94 -19.88 1.00
C TRP A 74 6.21 -19.31 0.40
N SER A 75 6.06 -18.61 -0.71
CA SER A 75 7.12 -17.96 -1.45
C SER A 75 6.57 -16.75 -2.18
N ILE A 76 7.12 -15.55 -1.93
CA ILE A 76 6.54 -14.41 -2.64
C ILE A 76 7.61 -13.47 -3.16
N SER A 77 7.28 -12.80 -4.27
CA SER A 77 8.14 -11.73 -4.78
C SER A 77 7.28 -10.53 -5.17
N TYR A 78 7.88 -9.34 -5.12
CA TYR A 78 7.13 -8.14 -5.35
C TYR A 78 7.61 -7.39 -6.59
N GLY A 79 6.87 -6.34 -6.89
CA GLY A 79 6.98 -5.44 -8.00
C GLY A 79 8.42 -5.01 -8.22
N ASP A 80 9.13 -4.72 -7.14
CA ASP A 80 10.53 -4.30 -7.21
C ASP A 80 11.50 -5.47 -7.18
N GLY A 81 11.00 -6.70 -7.29
CA GLY A 81 11.82 -7.89 -7.36
C GLY A 81 12.31 -8.42 -6.04
N SER A 82 11.90 -7.81 -4.93
CA SER A 82 12.27 -8.31 -3.62
C SER A 82 11.38 -9.50 -3.27
N SER A 83 11.81 -10.34 -2.32
CA SER A 83 11.16 -11.61 -2.06
C SER A 83 11.48 -12.18 -0.68
N SER A 84 10.62 -13.11 -0.24
CA SER A 84 10.77 -13.85 1.00
C SER A 84 10.01 -15.18 0.91
N SER A 85 10.34 -16.11 1.79
CA SER A 85 9.67 -17.42 1.84
C SER A 85 9.76 -18.04 3.23
N GLY A 86 8.97 -19.09 3.48
CA GLY A 86 9.04 -19.75 4.76
C GLY A 86 7.89 -20.70 5.05
N ASP A 87 7.56 -20.88 6.32
CA ASP A 87 6.48 -21.81 6.65
C ASP A 87 5.37 -21.03 7.35
N VAL A 88 4.34 -21.73 7.83
CA VAL A 88 3.12 -21.06 8.21
C VAL A 88 2.61 -21.54 9.56
N TYR A 89 2.23 -20.57 10.38
CA TYR A 89 1.51 -20.83 11.62
C TYR A 89 0.14 -20.18 11.54
N THR A 90 -0.80 -20.64 12.33
CA THR A 90 -1.99 -19.82 12.57
C THR A 90 -1.85 -19.24 13.98
N ASP A 91 -2.30 -18.01 14.18
CA ASP A 91 -2.24 -17.43 15.51
C ASP A 91 -3.36 -16.39 15.61
N THR A 92 -3.50 -15.82 16.79
CA THR A 92 -4.38 -14.68 17.05
C THR A 92 -3.68 -13.39 16.60
N VAL A 93 -4.39 -12.59 15.82
CA VAL A 93 -3.85 -11.32 15.29
C VAL A 93 -4.81 -10.18 15.59
N SER A 94 -4.32 -9.08 16.16
CA SER A 94 -5.16 -7.93 16.47
C SER A 94 -4.65 -6.64 15.82
N VAL A 95 -5.57 -5.87 15.26
CA VAL A 95 -5.25 -4.57 14.69
C VAL A 95 -6.19 -3.50 15.27
N GLY A 96 -5.66 -2.63 16.12
CA GLY A 96 -6.46 -1.52 16.62
C GLY A 96 -7.75 -1.95 17.29
N GLY A 97 -7.67 -3.04 18.03
CA GLY A 97 -8.77 -3.53 18.83
C GLY A 97 -9.57 -4.62 18.16
N LEU A 98 -9.38 -4.83 16.85
CA LEU A 98 -10.14 -5.87 16.18
C LEU A 98 -9.35 -7.18 16.16
N THR A 99 -9.92 -8.25 16.70
CA THR A 99 -9.18 -9.49 16.87
C THR A 99 -9.69 -10.60 15.97
N VAL A 100 -8.76 -11.24 15.27
CA VAL A 100 -9.05 -12.43 14.49
C VAL A 100 -8.31 -13.63 15.06
N THR A 101 -9.01 -14.72 15.32
CA THR A 101 -8.38 -15.97 15.74
C THR A 101 -8.13 -16.87 14.52
N GLY A 102 -7.08 -17.67 14.59
CA GLY A 102 -6.74 -18.59 13.52
C GLY A 102 -6.28 -17.94 12.23
N GLN A 103 -5.70 -16.74 12.34
CA GLN A 103 -5.17 -16.06 11.17
C GLN A 103 -3.87 -16.71 10.71
N ALA A 104 -3.73 -17.01 9.41
CA ALA A 104 -2.44 -17.52 8.93
C ALA A 104 -1.37 -16.44 9.02
N VAL A 105 -0.31 -16.76 9.75
CA VAL A 105 0.81 -15.85 9.91
C VAL A 105 2.01 -16.51 9.23
N GLU A 106 2.43 -15.93 8.12
CA GLU A 106 3.52 -16.55 7.38
C GLU A 106 4.88 -16.17 7.95
N SER A 107 5.62 -17.17 8.43
CA SER A 107 6.90 -16.97 9.08
C SER A 107 8.06 -17.08 8.09
N ALA A 108 8.84 -16.02 7.94
CA ALA A 108 9.94 -15.94 6.99
C ALA A 108 11.15 -16.75 7.41
N LYS A 109 11.60 -17.67 6.56
CA LYS A 109 12.87 -18.37 6.80
C LYS A 109 14.01 -17.56 6.18
N LYS A 110 13.69 -16.87 5.10
CA LYS A 110 14.65 -16.08 4.34
C LYS A 110 13.97 -14.81 3.83
N VAL A 111 14.67 -13.70 3.71
CA VAL A 111 14.19 -12.46 3.09
C VAL A 111 15.25 -11.85 2.18
N SER A 112 14.84 -11.11 1.16
CA SER A 112 15.77 -10.45 0.25
C SER A 112 16.50 -9.31 0.94
N SER A 113 17.57 -8.80 0.34
N SER A 113 17.56 -8.82 0.31
CA SER A 113 18.42 -7.81 1.00
CA SER A 113 18.45 -7.81 0.84
C SER A 113 17.71 -6.51 1.31
C SER A 113 17.72 -6.55 1.27
N SER A 114 16.80 -6.07 0.44
CA SER A 114 16.11 -4.82 0.71
C SER A 114 15.25 -4.92 1.96
N PHE A 115 14.75 -6.11 2.30
CA PHE A 115 13.98 -6.23 3.53
C PHE A 115 14.88 -6.13 4.75
N THR A 116 16.07 -6.72 4.64
CA THR A 116 17.05 -6.70 5.72
C THR A 116 17.51 -5.28 6.03
N GLU A 117 17.76 -4.51 4.98
CA GLU A 117 18.20 -3.12 4.98
C GLU A 117 17.16 -2.17 5.54
N ASP A 118 15.87 -2.51 5.50
CA ASP A 118 14.91 -1.54 6.06
C ASP A 118 14.49 -1.95 7.46
N SER A 119 15.05 -1.27 8.45
CA SER A 119 14.87 -1.61 9.85
C SER A 119 13.47 -1.37 10.39
N THR A 120 12.68 -0.54 9.71
CA THR A 120 11.42 -0.06 10.28
C THR A 120 10.22 -0.94 9.94
N ILE A 121 10.39 -1.84 9.00
CA ILE A 121 9.27 -2.72 8.62
C ILE A 121 9.52 -4.15 9.08
N ASP A 122 8.60 -4.65 9.90
CA ASP A 122 8.73 -5.95 10.51
C ASP A 122 8.07 -7.03 9.68
N GLY A 123 7.41 -6.62 8.60
CA GLY A 123 6.66 -7.55 7.77
C GLY A 123 5.57 -6.82 7.00
N LEU A 124 4.78 -7.55 6.24
CA LEU A 124 3.71 -6.96 5.43
C LEU A 124 2.36 -7.54 5.82
N LEU A 125 1.29 -6.74 5.73
CA LEU A 125 -0.05 -7.28 5.93
C LEU A 125 -0.83 -7.09 4.63
N GLY A 126 -1.13 -8.17 3.91
CA GLY A 126 -1.73 -8.05 2.59
C GLY A 126 -3.23 -7.87 2.64
N LEU A 127 -3.76 -6.98 1.80
CA LEU A 127 -5.17 -6.63 1.86
C LEU A 127 -5.80 -6.68 0.48
N ALA A 128 -5.15 -7.37 -0.45
CA ALA A 128 -5.78 -7.61 -1.75
C ALA A 128 -6.67 -8.84 -1.64
N PHE A 129 -7.13 -9.40 -2.76
CA PHE A 129 -8.01 -10.56 -2.68
C PHE A 129 -7.20 -11.84 -2.49
N SER A 130 -7.80 -12.80 -1.78
CA SER A 130 -7.16 -14.00 -1.25
C SER A 130 -6.64 -14.94 -2.32
N THR A 131 -7.14 -14.75 -3.54
CA THR A 131 -6.68 -15.55 -4.66
C THR A 131 -5.22 -15.28 -4.99
N LEU A 132 -4.68 -14.18 -4.45
CA LEU A 132 -3.27 -13.88 -4.65
C LEU A 132 -2.42 -14.47 -3.53
N ASN A 133 -3.03 -15.06 -2.50
CA ASN A 133 -2.18 -15.57 -1.41
C ASN A 133 -1.18 -16.61 -1.90
N THR A 134 0.10 -16.55 -1.49
CA THR A 134 1.04 -17.55 -2.00
C THR A 134 1.17 -18.81 -1.16
N VAL A 135 0.33 -19.01 -0.14
CA VAL A 135 0.50 -20.26 0.62
C VAL A 135 0.03 -21.45 -0.20
N SER A 136 0.81 -22.53 -0.13
CA SER A 136 0.47 -23.76 -0.82
C SER A 136 0.69 -24.96 0.09
N PRO A 137 -0.04 -26.06 -0.06
CA PRO A 137 -0.96 -26.31 -1.16
C PRO A 137 -2.30 -25.61 -1.09
N THR A 138 -2.80 -25.25 0.09
CA THR A 138 -4.10 -24.55 0.15
C THR A 138 -3.92 -23.09 0.52
N GLN A 139 -4.48 -22.16 -0.25
CA GLN A 139 -4.25 -20.73 -0.03
C GLN A 139 -4.89 -20.27 1.27
N GLN A 140 -4.33 -19.25 1.93
CA GLN A 140 -4.93 -18.76 3.16
C GLN A 140 -5.66 -17.44 2.94
N LYS A 141 -6.67 -17.18 3.75
CA LYS A 141 -7.45 -15.95 3.64
C LYS A 141 -6.70 -14.76 4.22
N THR A 142 -7.01 -13.56 3.73
CA THR A 142 -6.35 -12.39 4.31
C THR A 142 -7.01 -11.98 5.62
N PHE A 143 -6.36 -11.11 6.38
CA PHE A 143 -6.85 -10.62 7.66
C PHE A 143 -8.26 -10.07 7.51
N PHE A 144 -8.44 -9.29 6.45
CA PHE A 144 -9.74 -8.73 6.13
C PHE A 144 -10.77 -9.81 5.86
N ASP A 145 -10.45 -10.81 5.05
CA ASP A 145 -11.39 -11.89 4.79
C ASP A 145 -11.83 -12.60 6.07
N ASN A 146 -10.86 -12.87 6.95
CA ASN A 146 -11.20 -13.52 8.21
C ASN A 146 -12.06 -12.62 9.09
N ALA A 147 -11.83 -11.31 9.07
CA ALA A 147 -12.60 -10.45 9.96
C ALA A 147 -14.03 -10.18 9.50
N LYS A 148 -14.30 -10.33 8.22
CA LYS A 148 -15.56 -9.86 7.65
C LYS A 148 -16.79 -10.35 8.40
N ALA A 149 -16.78 -11.59 8.87
CA ALA A 149 -17.97 -12.13 9.53
C ALA A 149 -18.27 -11.33 10.79
N SER A 150 -17.24 -10.76 11.40
CA SER A 150 -17.41 -10.07 12.67
C SER A 150 -17.52 -8.56 12.55
N LEU A 151 -17.23 -8.00 11.38
CA LEU A 151 -17.26 -6.55 11.22
C LEU A 151 -18.66 -5.94 11.16
N ASP A 152 -18.82 -4.76 11.77
CA ASP A 152 -20.12 -4.10 11.74
C ASP A 152 -20.61 -3.92 10.31
N SER A 153 -19.67 -3.67 9.42
CA SER A 153 -19.76 -3.54 7.98
C SER A 153 -18.47 -4.04 7.31
N PRO A 154 -18.60 -4.74 6.18
CA PRO A 154 -17.46 -5.37 5.50
C PRO A 154 -16.64 -4.37 4.69
N VAL A 155 -16.01 -3.45 5.41
CA VAL A 155 -15.21 -2.43 4.78
C VAL A 155 -14.01 -2.10 5.67
N PHE A 156 -13.06 -1.46 5.02
CA PHE A 156 -11.95 -0.81 5.73
C PHE A 156 -11.65 0.47 4.95
N THR A 157 -11.09 1.44 5.66
CA THR A 157 -10.79 2.72 5.01
C THR A 157 -9.32 3.04 5.21
N ALA A 158 -8.74 3.72 4.21
CA ALA A 158 -7.37 4.20 4.35
C ALA A 158 -7.41 5.73 4.39
N ASP A 159 -6.72 6.28 5.39
CA ASP A 159 -6.65 7.73 5.53
C ASP A 159 -5.19 8.12 5.81
N LEU A 160 -4.39 8.09 4.75
CA LEU A 160 -2.95 8.30 4.80
C LEU A 160 -2.59 9.78 4.80
N GLY A 161 -1.61 10.14 5.62
CA GLY A 161 -1.26 11.53 5.78
C GLY A 161 -0.07 11.96 4.94
N TYR A 162 0.00 13.26 4.64
CA TYR A 162 1.15 13.83 3.94
C TYR A 162 2.18 14.23 4.98
N HIS A 163 3.31 13.54 5.03
CA HIS A 163 4.31 13.82 6.06
C HIS A 163 3.71 13.85 7.45
N ALA A 164 2.68 13.03 7.68
CA ALA A 164 1.94 13.06 8.94
C ALA A 164 1.27 11.71 9.18
N PRO A 165 0.95 11.39 10.42
CA PRO A 165 0.22 10.13 10.67
C PRO A 165 -1.17 10.14 10.03
N GLY A 166 -1.73 8.96 9.89
CA GLY A 166 -3.04 8.74 9.31
C GLY A 166 -3.75 7.61 10.04
N THR A 167 -4.82 7.11 9.44
CA THR A 167 -5.58 6.05 10.09
C THR A 167 -6.01 4.95 9.14
N TYR A 168 -5.94 3.72 9.64
CA TYR A 168 -6.60 2.59 9.01
C TYR A 168 -7.79 2.18 9.88
N ASN A 169 -9.00 2.17 9.33
CA ASN A 169 -10.17 1.77 10.11
C ASN A 169 -10.82 0.53 9.53
N PHE A 170 -11.32 -0.34 10.41
CA PHE A 170 -11.98 -1.55 9.91
C PHE A 170 -13.43 -1.59 10.36
N GLY A 171 -14.34 -1.79 9.42
CA GLY A 171 -15.72 -2.04 9.77
C GLY A 171 -16.59 -0.82 9.99
N PHE A 172 -16.06 0.38 9.81
CA PHE A 172 -16.89 1.58 9.90
C PHE A 172 -16.27 2.72 9.06
N ILE A 173 -17.15 3.67 8.74
CA ILE A 173 -16.73 4.84 7.99
C ILE A 173 -16.86 6.09 8.86
N ASP A 174 -15.72 6.74 9.05
CA ASP A 174 -15.63 7.97 9.81
C ASP A 174 -16.01 9.19 8.97
N THR A 175 -17.27 9.58 9.04
CA THR A 175 -17.82 10.70 8.30
C THR A 175 -17.18 12.02 8.67
N THR A 176 -16.49 12.09 9.81
CA THR A 176 -15.80 13.33 10.13
C THR A 176 -14.42 13.36 9.48
N ALA A 177 -14.11 12.30 8.75
CA ALA A 177 -12.75 12.16 8.22
C ALA A 177 -12.62 12.75 6.83
N TYR A 178 -13.72 13.09 6.19
CA TYR A 178 -13.61 13.64 4.83
C TYR A 178 -14.59 14.78 4.59
N THR A 179 -14.41 15.45 3.45
CA THR A 179 -15.40 16.47 3.10
C THR A 179 -16.12 16.03 1.83
N GLY A 180 -17.35 16.47 1.68
CA GLY A 180 -18.20 16.12 0.55
C GLY A 180 -18.86 14.78 0.76
N SER A 181 -19.17 14.11 -0.34
CA SER A 181 -19.72 12.77 -0.38
C SER A 181 -18.71 11.81 -1.00
N ILE A 182 -18.87 10.54 -0.65
CA ILE A 182 -18.01 9.48 -1.17
C ILE A 182 -18.47 9.05 -2.55
N THR A 183 -17.58 8.98 -3.55
CA THR A 183 -18.00 8.44 -4.84
C THR A 183 -17.47 7.01 -5.00
N TYR A 184 -18.37 6.07 -5.27
CA TYR A 184 -18.03 4.66 -5.43
C TYR A 184 -17.83 4.25 -6.88
N THR A 185 -16.84 3.40 -7.16
CA THR A 185 -16.65 2.94 -8.54
C THR A 185 -16.44 1.43 -8.50
N ALA A 186 -16.77 0.73 -9.59
CA ALA A 186 -16.75 -0.72 -9.58
C ALA A 186 -15.34 -1.28 -9.53
N VAL A 187 -15.19 -2.43 -8.90
CA VAL A 187 -13.90 -3.10 -8.84
C VAL A 187 -13.87 -4.37 -9.67
N SER A 188 -12.78 -4.59 -10.39
CA SER A 188 -12.56 -5.87 -11.07
C SER A 188 -11.63 -6.76 -10.25
N THR A 189 -12.04 -7.99 -9.96
CA THR A 189 -11.17 -8.85 -9.15
C THR A 189 -10.44 -9.87 -10.02
N LYS A 190 -10.57 -9.73 -11.32
CA LYS A 190 -10.06 -10.72 -12.26
C LYS A 190 -8.59 -11.05 -12.05
N GLN A 191 -7.78 -10.08 -11.64
CA GLN A 191 -6.36 -10.35 -11.40
C GLN A 191 -6.05 -10.34 -9.91
N GLY A 192 -7.08 -10.26 -9.08
CA GLY A 192 -6.89 -10.31 -7.64
C GLY A 192 -6.55 -8.98 -7.01
N PHE A 193 -6.54 -7.90 -7.78
CA PHE A 193 -6.23 -6.58 -7.23
C PHE A 193 -7.47 -5.72 -6.99
N TRP A 194 -7.29 -4.69 -6.17
CA TRP A 194 -8.30 -3.62 -6.13
C TRP A 194 -8.16 -2.81 -7.42
N GLU A 195 -8.67 -3.38 -8.51
CA GLU A 195 -8.56 -2.84 -9.84
C GLU A 195 -9.82 -2.07 -10.26
N TRP A 196 -9.58 -0.88 -10.77
CA TRP A 196 -10.65 0.05 -11.11
C TRP A 196 -10.25 0.90 -12.30
N THR A 197 -11.20 1.66 -12.83
CA THR A 197 -10.87 2.48 -13.99
C THR A 197 -11.14 3.95 -13.75
N SER A 198 -10.10 4.79 -13.81
CA SER A 198 -10.35 6.22 -13.69
C SER A 198 -10.96 6.81 -14.96
N THR A 199 -11.79 7.84 -14.81
CA THR A 199 -12.49 8.46 -15.93
C THR A 199 -11.73 9.55 -16.65
N GLY A 200 -10.57 9.96 -16.15
CA GLY A 200 -9.70 10.88 -16.87
C GLY A 200 -8.81 11.67 -15.94
N TYR A 201 -8.24 12.76 -16.48
CA TYR A 201 -7.29 13.56 -15.74
C TYR A 201 -7.25 15.01 -16.24
N ALA A 202 -6.81 15.90 -15.36
CA ALA A 202 -6.46 17.27 -15.72
C ALA A 202 -5.10 17.61 -15.10
N VAL A 203 -4.37 18.51 -15.73
CA VAL A 203 -3.15 19.04 -15.15
C VAL A 203 -3.35 20.49 -14.73
N GLY A 204 -3.07 20.79 -13.47
CA GLY A 204 -3.20 22.16 -12.99
C GLY A 204 -4.57 22.74 -13.26
N SER A 205 -4.64 23.93 -13.87
CA SER A 205 -5.95 24.52 -14.14
C SER A 205 -6.39 24.29 -15.58
N GLY A 206 -5.79 23.33 -16.27
CA GLY A 206 -6.18 23.05 -17.65
C GLY A 206 -7.42 22.18 -17.72
N THR A 207 -7.78 21.73 -18.91
CA THR A 207 -8.99 20.96 -19.16
C THR A 207 -8.91 19.50 -18.71
N PHE A 208 -10.03 18.95 -18.25
CA PHE A 208 -10.18 17.54 -17.93
C PHE A 208 -10.41 16.78 -19.23
N LYS A 209 -9.51 15.81 -19.44
CA LYS A 209 -9.54 14.94 -20.60
C LYS A 209 -10.20 13.63 -20.22
N SER A 210 -11.33 13.32 -20.85
CA SER A 210 -11.98 12.06 -20.50
C SER A 210 -11.23 10.92 -21.21
N THR A 211 -10.62 10.04 -20.44
CA THR A 211 -9.91 8.88 -20.97
C THR A 211 -9.80 7.82 -19.90
N SER A 212 -10.09 6.58 -20.27
CA SER A 212 -10.12 5.49 -19.29
C SER A 212 -8.73 5.10 -18.83
N ILE A 213 -8.52 5.16 -17.52
CA ILE A 213 -7.22 4.67 -17.04
C ILE A 213 -7.45 3.57 -16.03
N ASP A 214 -7.29 2.36 -16.56
CA ASP A 214 -7.38 1.18 -15.72
C ASP A 214 -6.17 1.09 -14.80
N GLY A 215 -6.39 0.99 -13.49
CA GLY A 215 -5.24 0.88 -12.60
C GLY A 215 -5.59 0.16 -11.32
N ILE A 216 -4.60 0.01 -10.44
CA ILE A 216 -4.89 -0.62 -9.15
C ILE A 216 -4.61 0.32 -7.99
N ALA A 217 -5.43 0.22 -6.92
CA ALA A 217 -5.13 0.99 -5.72
C ALA A 217 -4.16 0.21 -4.82
N ASP A 218 -2.91 0.67 -4.74
CA ASP A 218 -1.86 -0.08 -4.05
C ASP A 218 -1.23 0.73 -2.92
N THR A 219 -1.66 0.48 -1.68
CA THR A 219 -1.06 1.26 -0.60
C THR A 219 0.40 0.87 -0.38
N GLY A 220 0.85 -0.22 -0.99
CA GLY A 220 2.21 -0.70 -0.80
C GLY A 220 3.21 -0.14 -1.79
N THR A 221 2.74 0.71 -2.69
CA THR A 221 3.53 1.41 -3.69
C THR A 221 3.61 2.91 -3.37
N THR A 222 4.80 3.48 -3.43
CA THR A 222 5.03 4.86 -3.01
C THR A 222 4.45 5.88 -3.96
N LEU A 223 4.79 5.71 -5.25
CA LEU A 223 4.41 6.74 -6.21
C LEU A 223 3.14 6.43 -6.98
N LEU A 224 2.83 7.34 -7.89
CA LEU A 224 1.78 7.36 -8.86
C LEU A 224 2.36 6.99 -10.25
N TYR A 225 2.04 5.82 -10.80
CA TYR A 225 2.50 5.42 -12.12
C TYR A 225 1.34 5.39 -13.12
N LEU A 226 1.44 6.22 -14.15
CA LEU A 226 0.39 6.45 -15.13
C LEU A 226 0.96 6.26 -16.53
N PRO A 227 0.11 6.12 -17.53
CA PRO A 227 0.61 5.95 -18.90
C PRO A 227 1.55 7.06 -19.35
N ALA A 228 2.56 6.75 -20.16
CA ALA A 228 3.58 7.73 -20.55
C ALA A 228 3.03 9.03 -21.10
N THR A 229 1.94 8.98 -21.87
CA THR A 229 1.47 10.22 -22.49
C THR A 229 0.84 11.11 -21.44
N VAL A 230 0.19 10.47 -20.48
CA VAL A 230 -0.36 11.24 -19.37
C VAL A 230 0.75 11.93 -18.59
N VAL A 231 1.78 11.15 -18.28
CA VAL A 231 2.92 11.65 -17.51
C VAL A 231 3.66 12.73 -18.28
N SER A 232 3.83 12.53 -19.58
CA SER A 232 4.49 13.58 -20.37
C SER A 232 3.71 14.90 -20.29
N ALA A 233 2.39 14.80 -20.33
CA ALA A 233 1.48 15.93 -20.31
C ALA A 233 1.65 16.72 -19.02
N TYR A 234 1.89 16.02 -17.92
CA TYR A 234 2.12 16.68 -16.64
C TYR A 234 3.42 17.47 -16.61
N TRP A 235 4.53 16.81 -16.88
CA TRP A 235 5.86 17.41 -16.70
C TRP A 235 6.12 18.47 -17.75
N ALA A 236 5.33 18.47 -18.82
CA ALA A 236 5.47 19.54 -19.81
C ALA A 236 5.11 20.90 -19.20
N GLN A 237 4.31 20.92 -18.14
CA GLN A 237 3.93 22.14 -17.45
C GLN A 237 4.94 22.59 -16.39
N VAL A 238 6.07 21.91 -16.31
CA VAL A 238 7.14 22.22 -15.37
C VAL A 238 8.39 22.55 -16.17
N SER A 239 8.75 23.83 -16.19
CA SER A 239 9.77 24.34 -17.11
C SER A 239 11.15 23.73 -16.94
N GLY A 240 11.57 23.34 -15.73
CA GLY A 240 12.90 22.76 -15.67
C GLY A 240 12.88 21.25 -15.52
N ALA A 241 11.71 20.64 -15.76
CA ALA A 241 11.63 19.19 -15.64
C ALA A 241 12.15 18.48 -16.87
N LYS A 242 12.81 17.37 -16.59
CA LYS A 242 13.19 16.47 -17.68
C LYS A 242 13.28 15.03 -17.20
N SER A 243 13.28 14.13 -18.17
CA SER A 243 13.51 12.71 -17.88
C SER A 243 15.00 12.45 -17.71
N SER A 244 15.37 11.74 -16.65
CA SER A 244 16.73 11.39 -16.29
C SER A 244 16.92 9.87 -16.20
N SER A 245 17.71 9.35 -17.13
CA SER A 245 18.09 7.95 -17.21
C SER A 245 18.91 7.54 -15.99
N SER A 246 19.90 8.36 -15.68
CA SER A 246 20.79 8.16 -14.55
C SER A 246 19.98 7.96 -13.27
N VAL A 247 18.87 8.71 -13.20
CA VAL A 247 18.04 8.62 -12.00
C VAL A 247 16.88 7.66 -12.20
N GLY A 248 16.48 7.44 -13.45
CA GLY A 248 15.38 6.56 -13.79
C GLY A 248 14.01 7.16 -13.65
N GLY A 249 13.82 8.41 -14.04
CA GLY A 249 12.54 9.05 -13.90
C GLY A 249 12.61 10.55 -14.10
N TYR A 250 11.47 11.22 -14.01
CA TYR A 250 11.43 12.67 -14.15
C TYR A 250 11.95 13.36 -12.88
N VAL A 251 12.79 14.36 -13.11
CA VAL A 251 13.35 15.24 -12.10
C VAL A 251 13.13 16.70 -12.48
N PHE A 252 13.15 17.55 -11.45
CA PHE A 252 12.91 18.98 -11.64
C PHE A 252 13.60 19.81 -10.57
N PRO A 253 13.80 21.11 -10.78
CA PRO A 253 14.41 21.95 -9.75
C PRO A 253 13.52 22.02 -8.51
N CYS A 254 14.12 21.73 -7.37
CA CYS A 254 13.43 21.72 -6.08
C CYS A 254 12.75 23.06 -5.81
N SER A 255 13.20 24.14 -6.44
CA SER A 255 12.59 25.46 -6.26
C SER A 255 11.29 25.62 -7.02
N ALA A 256 10.99 24.82 -8.04
CA ALA A 256 9.75 24.99 -8.78
C ALA A 256 8.50 24.79 -7.92
N THR A 257 7.41 25.44 -8.32
CA THR A 257 6.11 25.18 -7.71
C THR A 257 5.32 24.29 -8.68
N LEU A 258 4.96 23.08 -8.24
CA LEU A 258 4.39 22.09 -9.15
C LEU A 258 2.89 22.29 -9.32
N PRO A 259 2.38 22.03 -10.52
CA PRO A 259 0.93 22.02 -10.72
C PRO A 259 0.26 20.88 -9.95
N SER A 260 -1.01 21.10 -9.61
CA SER A 260 -1.79 19.99 -9.10
C SER A 260 -2.09 19.01 -10.24
N PHE A 261 -2.55 17.85 -9.82
CA PHE A 261 -2.99 16.78 -10.72
C PHE A 261 -4.35 16.27 -10.25
N THR A 262 -5.31 16.25 -11.17
CA THR A 262 -6.64 15.75 -10.87
C THR A 262 -6.90 14.42 -11.56
N PHE A 263 -7.46 13.43 -10.87
CA PHE A 263 -7.90 12.21 -11.57
C PHE A 263 -9.40 12.03 -11.35
N GLY A 264 -10.05 11.39 -12.33
CA GLY A 264 -11.50 11.28 -12.24
C GLY A 264 -11.94 10.01 -11.55
N VAL A 265 -13.02 10.13 -10.80
CA VAL A 265 -13.69 8.99 -10.18
C VAL A 265 -15.18 9.12 -10.48
N GLY A 266 -15.63 8.31 -11.43
CA GLY A 266 -16.93 8.54 -12.07
C GLY A 266 -17.02 10.02 -12.43
N SER A 267 -18.08 10.66 -11.99
CA SER A 267 -18.31 12.08 -12.18
C SER A 267 -17.56 12.93 -11.18
N ALA A 268 -16.86 12.33 -10.21
CA ALA A 268 -16.16 13.14 -9.21
C ALA A 268 -14.72 13.43 -9.61
N ARG A 269 -14.05 14.29 -8.83
CA ARG A 269 -12.70 14.68 -9.17
C ARG A 269 -11.87 14.72 -7.89
N ILE A 270 -10.70 14.07 -7.99
CA ILE A 270 -9.79 14.12 -6.84
C ILE A 270 -8.55 14.91 -7.26
N VAL A 271 -8.24 15.92 -6.46
CA VAL A 271 -7.09 16.78 -6.77
C VAL A 271 -5.91 16.49 -5.86
N ILE A 272 -4.80 16.10 -6.47
CA ILE A 272 -3.55 15.93 -5.73
C ILE A 272 -2.79 17.24 -5.73
N PRO A 273 -2.55 17.82 -4.56
CA PRO A 273 -1.80 19.09 -4.52
C PRO A 273 -0.41 18.97 -5.15
N GLY A 274 0.06 20.04 -5.79
CA GLY A 274 1.38 20.01 -6.38
C GLY A 274 2.46 19.55 -5.43
N ASP A 275 2.40 19.95 -4.17
CA ASP A 275 3.40 19.64 -3.15
C ASP A 275 3.54 18.14 -2.87
N TYR A 276 2.44 17.40 -3.00
CA TYR A 276 2.51 15.96 -2.78
C TYR A 276 3.37 15.28 -3.85
N ILE A 277 3.50 15.94 -5.00
CA ILE A 277 4.13 15.36 -6.17
C ILE A 277 5.63 15.65 -6.15
N ASP A 278 5.99 16.67 -5.38
CA ASP A 278 7.40 16.91 -5.09
C ASP A 278 7.83 15.81 -4.14
N PHE A 279 8.50 14.79 -4.68
CA PHE A 279 8.78 13.69 -3.77
C PHE A 279 9.98 13.97 -2.87
N GLY A 280 10.98 14.70 -3.34
CA GLY A 280 12.14 14.99 -2.53
C GLY A 280 13.42 15.15 -3.33
N PRO A 281 14.48 15.72 -2.77
CA PRO A 281 15.72 15.85 -3.54
C PRO A 281 16.37 14.49 -3.78
N ILE A 282 17.05 14.44 -4.91
CA ILE A 282 17.62 13.15 -5.33
C ILE A 282 18.68 12.71 -4.33
N SER A 283 19.37 13.66 -3.72
CA SER A 283 20.20 13.43 -2.55
C SER A 283 20.15 14.68 -1.66
N THR A 284 20.46 14.52 -0.38
CA THR A 284 20.44 15.65 0.56
C THR A 284 21.32 16.80 0.08
N GLY A 285 20.75 18.00 0.02
CA GLY A 285 21.50 19.17 -0.41
C GLY A 285 21.40 19.42 -1.90
N SER A 286 20.81 18.49 -2.64
CA SER A 286 20.79 18.61 -4.09
C SER A 286 19.78 19.67 -4.55
N SER A 287 20.04 20.28 -5.70
CA SER A 287 19.09 21.25 -6.24
C SER A 287 18.04 20.59 -7.13
N SER A 288 18.18 19.28 -7.37
CA SER A 288 17.20 18.53 -8.14
C SER A 288 16.38 17.61 -7.22
N CYS A 289 15.10 17.52 -7.55
CA CYS A 289 14.11 16.76 -6.81
C CYS A 289 13.50 15.66 -7.67
N PHE A 290 13.04 14.54 -7.08
CA PHE A 290 12.43 13.47 -7.88
C PHE A 290 10.92 13.64 -7.97
N GLY A 291 10.33 13.45 -9.15
CA GLY A 291 8.88 13.65 -9.27
C GLY A 291 8.05 12.50 -8.72
N GLY A 292 6.86 12.78 -8.20
CA GLY A 292 6.05 11.72 -7.62
C GLY A 292 5.13 11.05 -8.62
N ILE A 293 5.11 11.54 -9.85
CA ILE A 293 4.33 10.98 -10.95
C ILE A 293 5.31 10.46 -12.02
N GLN A 294 5.26 9.17 -12.27
CA GLN A 294 6.20 8.52 -13.17
C GLN A 294 5.48 7.57 -14.12
N SER A 295 6.15 7.21 -15.22
CA SER A 295 5.51 6.37 -16.24
C SER A 295 5.37 4.91 -15.81
N SER A 296 4.22 4.31 -16.11
CA SER A 296 4.00 2.91 -15.78
C SER A 296 4.41 1.97 -16.90
N ALA A 297 4.98 2.51 -17.97
CA ALA A 297 5.37 1.72 -19.14
C ALA A 297 6.17 0.48 -18.81
N GLY A 298 7.24 0.54 -18.04
CA GLY A 298 8.01 -0.68 -17.81
C GLY A 298 7.42 -1.58 -16.76
N ILE A 299 6.33 -1.18 -16.11
CA ILE A 299 5.67 -2.00 -15.09
C ILE A 299 4.61 -2.90 -15.71
N GLY A 300 3.84 -2.37 -16.66
CA GLY A 300 2.79 -3.16 -17.27
C GLY A 300 1.42 -2.88 -16.70
N ILE A 301 1.36 -2.15 -15.59
CA ILE A 301 0.12 -1.80 -14.93
C ILE A 301 0.22 -0.34 -14.43
N ASN A 302 -0.89 0.38 -14.46
CA ASN A 302 -0.98 1.69 -13.84
C ASN A 302 -1.21 1.50 -12.35
N ILE A 303 -0.47 2.24 -11.54
CA ILE A 303 -0.60 2.08 -10.11
C ILE A 303 -0.92 3.39 -9.39
N PHE A 304 -2.10 3.41 -8.76
CA PHE A 304 -2.45 4.49 -7.86
C PHE A 304 -1.86 4.20 -6.47
N GLY A 305 -0.64 4.65 -6.22
CA GLY A 305 0.08 4.47 -4.98
C GLY A 305 -0.14 5.60 -3.98
N ASP A 306 0.72 5.69 -2.98
CA ASP A 306 0.52 6.58 -1.85
C ASP A 306 0.38 8.05 -2.22
N VAL A 307 1.15 8.50 -3.20
CA VAL A 307 1.05 9.87 -3.68
C VAL A 307 -0.40 10.25 -3.99
N ALA A 308 -1.08 9.35 -4.68
CA ALA A 308 -2.47 9.52 -5.05
C ALA A 308 -3.41 9.27 -3.87
N LEU A 309 -3.21 8.16 -3.16
CA LEU A 309 -4.19 7.80 -2.13
C LEU A 309 -4.15 8.75 -0.95
N LYS A 310 -2.96 9.26 -0.59
CA LYS A 310 -2.95 10.15 0.57
C LYS A 310 -3.68 11.46 0.29
N ALA A 311 -4.04 11.75 -0.96
CA ALA A 311 -4.84 12.95 -1.19
C ALA A 311 -6.31 12.66 -1.00
N ALA A 312 -6.66 11.41 -0.66
CA ALA A 312 -8.09 11.18 -0.51
C ALA A 312 -8.42 10.36 0.72
N PHE A 313 -9.72 10.22 0.98
CA PHE A 313 -10.22 9.27 1.97
C PHE A 313 -10.68 8.05 1.18
N VAL A 314 -10.10 6.88 1.44
CA VAL A 314 -10.39 5.74 0.54
C VAL A 314 -11.11 4.63 1.29
N VAL A 315 -12.20 4.20 0.65
CA VAL A 315 -13.07 3.17 1.19
C VAL A 315 -12.96 1.88 0.39
N PHE A 316 -12.50 0.81 1.02
CA PHE A 316 -12.38 -0.51 0.39
C PHE A 316 -13.58 -1.34 0.82
N ASN A 317 -14.59 -1.33 -0.06
CA ASN A 317 -15.84 -2.02 0.21
C ASN A 317 -15.74 -3.49 -0.20
N GLY A 318 -15.62 -4.36 0.80
CA GLY A 318 -15.46 -5.78 0.60
C GLY A 318 -16.75 -6.56 0.58
N ALA A 319 -17.85 -6.00 0.09
CA ALA A 319 -19.06 -6.82 -0.03
C ALA A 319 -18.84 -7.85 -1.13
N THR A 320 -19.81 -8.73 -1.34
CA THR A 320 -19.67 -9.82 -2.31
C THR A 320 -19.31 -9.26 -3.67
N THR A 321 -19.93 -8.13 -3.99
CA THR A 321 -19.54 -7.31 -5.13
C THR A 321 -18.74 -6.11 -4.61
N PRO A 322 -17.43 -6.14 -4.66
CA PRO A 322 -16.66 -5.06 -4.01
C PRO A 322 -16.62 -3.82 -4.90
N THR A 323 -16.40 -2.68 -4.25
CA THR A 323 -16.27 -1.39 -4.88
C THR A 323 -15.20 -0.59 -4.13
N LEU A 324 -14.71 0.42 -4.80
CA LEU A 324 -13.83 1.45 -4.29
C LEU A 324 -14.59 2.77 -4.13
N GLY A 325 -14.42 3.46 -3.00
CA GLY A 325 -15.00 4.78 -2.77
C GLY A 325 -13.90 5.79 -2.49
N PHE A 326 -13.94 6.94 -3.15
CA PHE A 326 -13.04 8.06 -2.90
C PHE A 326 -13.80 9.33 -2.46
N ALA A 327 -13.25 10.04 -1.48
CA ALA A 327 -13.76 11.33 -1.05
C ALA A 327 -12.58 12.31 -0.93
N SER A 328 -12.88 13.58 -1.18
CA SER A 328 -11.87 14.61 -0.88
C SER A 328 -11.73 14.75 0.62
N LYS A 329 -10.58 15.21 1.07
CA LYS A 329 -10.43 15.42 2.52
C LYS A 329 -9.58 16.69 2.72
N HIS B 1 15.20 1.86 3.33
CA HIS B 1 14.50 3.01 2.77
C HIS B 1 14.90 2.81 1.31
N SER B 2 13.93 2.91 0.40
CA SER B 2 14.10 2.76 -1.05
C SER B 2 12.85 3.50 -1.56
N LEU B 3 12.25 3.10 -2.69
CA LEU B 3 10.91 3.51 -3.10
C LEU B 3 10.26 2.13 -3.11
N PHE B 4 8.98 1.95 -2.77
CA PHE B 4 8.44 0.60 -2.64
C PHE B 4 7.44 0.28 -3.74
N HIS B 5 7.42 -0.95 -4.32
CA HIS B 5 6.43 -1.47 -5.29
C HIS B 5 5.69 -2.69 -4.74
N PUK B 6 5.06 -2.70 -3.62
CA PUK B 6 4.44 -3.90 -3.11
C2 PUK B 6 2.99 -4.01 -3.58
C3 PUK B 6 4.48 -3.89 -1.61
C4 PUK B 6 5.85 -3.78 -0.96
C5 PUK B 6 5.95 -3.12 0.27
C6 PUK B 6 6.97 -4.36 -1.54
C7 PUK B 6 7.19 -3.04 0.91
C8 PUK B 6 8.21 -4.28 -0.90
C9 PUK B 6 8.32 -3.62 0.33
N2 PUK B 6 2.90 -4.09 -5.03
C10 PUK B 6 2.00 -5.11 -5.52
C PUK B 6 2.80 -6.42 -5.71
O PUK B 6 4.05 -6.36 -5.75
C12 PUK B 6 1.36 -4.71 -6.88
C13 PUK B 6 2.32 -4.58 -8.05
C14 PUK B 6 2.37 -5.59 -9.00
C15 PUK B 6 3.21 -3.51 -8.11
C16 PUK B 6 3.32 -5.53 -10.00
C17 PUK B 6 4.15 -3.45 -9.12
C18 PUK B 6 4.21 -4.46 -10.07
N THR B 7 2.15 -7.58 -5.79
CA THR B 7 2.87 -8.81 -6.13
C THR B 7 2.40 -9.04 -7.57
N PRO B 8 3.27 -9.38 -8.50
CA PRO B 8 2.89 -9.74 -9.86
C PRO B 8 2.27 -11.14 -9.88
S SO4 C . 18.58 -11.52 -2.54
O1 SO4 C . 17.84 -11.25 -3.77
O2 SO4 C . 19.82 -12.20 -2.89
O3 SO4 C . 18.88 -10.28 -1.85
O4 SO4 C . 17.79 -12.39 -1.68
S SO4 D . -21.41 10.23 2.20
O1 SO4 D . -20.59 11.19 2.93
O2 SO4 D . -21.07 10.26 0.79
O3 SO4 D . -21.17 8.89 2.73
O4 SO4 D . -22.80 10.58 2.39
S SO4 E . 20.90 11.72 -17.97
O1 SO4 E . 20.01 11.04 -18.89
O2 SO4 E . 21.80 10.75 -17.36
O3 SO4 E . 21.68 12.72 -18.68
O4 SO4 E . 20.12 12.37 -16.93
#